data_7OLW
#
_entry.id   7OLW
#
_cell.length_a   42.931
_cell.length_b   42.931
_cell.length_c   94.882
_cell.angle_alpha   90.000
_cell.angle_beta   90.000
_cell.angle_gamma   120.000
#
_symmetry.space_group_name_H-M   'P 63'
#
loop_
_entity.id
_entity.type
_entity.pdbx_description
1 polymer Lectin
2 non-polymer 5-(3-aminophenyl)furan-2-carboxamido-(beta-L-fucopyranose)
3 water water
#
_entity_poly.entity_id   1
_entity_poly.type   'polypeptide(L)'
_entity_poly.pdbx_seq_one_letter_code
;GHMPLLSASIVSAPVVTSETYVDIPGLYLDVAKAGIRDGKLQVILNVPTPYATGNNFPGIYFAIATNQGVVADGCFTYSS
KVPESTGRMPFTLVATIDVGSGVTFVKGQWKSVRGSAMHIDSYASLSAIWGTAA
;
_entity_poly.pdbx_strand_id   AAA
#
loop_
_chem_comp.id
_chem_comp.type
_chem_comp.name
_chem_comp.formula
VJW non-polymer 5-(3-aminophenyl)furan-2-carboxamido-(beta-L-fucopyranose) 'C17 H20 N2 O6'
#
# COMPACT_ATOMS: atom_id res chain seq x y z
N GLY A 1 20.85 -5.38 -16.95
CA GLY A 1 21.23 -5.07 -15.54
C GLY A 1 20.20 -5.60 -14.55
N HIS A 2 20.03 -4.95 -13.40
CA HIS A 2 18.95 -5.32 -12.45
C HIS A 2 17.63 -5.20 -13.22
N MET A 3 16.78 -6.23 -13.17
CA MET A 3 15.42 -6.13 -13.74
C MET A 3 14.76 -4.89 -13.14
N PRO A 4 14.35 -3.90 -13.98
CA PRO A 4 13.90 -2.62 -13.44
C PRO A 4 12.45 -2.68 -12.97
N LEU A 5 11.75 -3.81 -13.16
CA LEU A 5 10.32 -3.95 -12.74
C LEU A 5 10.23 -4.92 -11.59
N LEU A 6 9.69 -4.45 -10.47
N LEU A 6 9.68 -4.45 -10.48
CA LEU A 6 9.51 -5.26 -9.25
CA LEU A 6 9.48 -5.26 -9.26
C LEU A 6 8.00 -5.37 -9.01
C LEU A 6 7.98 -5.38 -9.02
N SER A 7 7.56 -6.50 -8.50
N SER A 7 7.54 -6.51 -8.51
CA SER A 7 6.12 -6.63 -8.20
CA SER A 7 6.10 -6.70 -8.26
C SER A 7 5.86 -7.70 -7.16
C SER A 7 5.86 -7.71 -7.16
N ALA A 8 4.80 -7.47 -6.39
CA ALA A 8 4.26 -8.44 -5.41
C ALA A 8 2.76 -8.34 -5.49
N SER A 9 2.09 -9.44 -5.34
CA SER A 9 0.62 -9.41 -5.37
C SER A 9 0.06 -10.43 -4.38
N ILE A 10 -1.17 -10.17 -3.98
CA ILE A 10 -1.92 -11.03 -3.04
C ILE A 10 -3.35 -11.17 -3.53
N VAL A 11 -4.10 -12.07 -2.93
CA VAL A 11 -5.55 -12.20 -3.27
C VAL A 11 -6.40 -12.14 -2.00
N SER A 12 -5.80 -11.99 -0.81
CA SER A 12 -6.56 -11.88 0.44
C SER A 12 -5.60 -11.42 1.52
N ALA A 13 -6.17 -11.00 2.65
CA ALA A 13 -5.38 -10.74 3.89
C ALA A 13 -6.34 -10.99 5.04
N PRO A 14 -5.85 -11.47 6.20
CA PRO A 14 -6.73 -11.53 7.37
C PRO A 14 -7.34 -10.17 7.67
N VAL A 15 -8.62 -10.19 7.98
CA VAL A 15 -9.38 -8.96 8.32
C VAL A 15 -8.90 -8.45 9.67
N VAL A 16 -8.50 -7.19 9.72
CA VAL A 16 -7.96 -6.57 10.96
C VAL A 16 -8.50 -5.15 11.04
N THR A 17 -8.38 -4.58 12.23
CA THR A 17 -8.45 -3.12 12.46
C THR A 17 -7.07 -2.63 12.86
N SER A 18 -6.82 -1.36 12.74
CA SER A 18 -5.54 -0.79 13.23
C SER A 18 -5.69 0.72 13.41
N GLU A 19 -5.15 1.26 14.50
CA GLU A 19 -5.10 2.72 14.65
C GLU A 19 -3.83 3.31 14.07
N THR A 20 -2.89 2.48 13.66
N THR A 20 -2.90 2.47 13.64
CA THR A 20 -1.64 2.93 13.02
CA THR A 20 -1.64 2.91 13.01
C THR A 20 -1.46 2.19 11.69
C THR A 20 -1.46 2.18 11.68
N TYR A 21 -0.59 2.67 10.83
CA TYR A 21 -0.24 1.92 9.61
C TYR A 21 0.39 0.59 9.99
N VAL A 22 -0.13 -0.47 9.40
CA VAL A 22 0.39 -1.84 9.62
C VAL A 22 0.55 -2.46 8.24
N ASP A 23 1.55 -3.30 8.11
CA ASP A 23 1.84 -3.98 6.83
C ASP A 23 0.60 -4.70 6.32
N ILE A 24 0.40 -4.62 5.02
CA ILE A 24 -0.53 -5.52 4.31
C ILE A 24 0.30 -6.74 3.96
N PRO A 25 0.02 -7.91 4.56
CA PRO A 25 0.91 -9.05 4.36
C PRO A 25 1.03 -9.39 2.87
N GLY A 26 2.27 -9.60 2.44
CA GLY A 26 2.57 -10.02 1.08
C GLY A 26 2.85 -8.86 0.16
N LEU A 27 2.50 -7.63 0.53
CA LEU A 27 2.79 -6.48 -0.33
C LEU A 27 4.10 -5.88 0.10
N TYR A 28 5.19 -6.48 -0.38
CA TYR A 28 6.55 -6.23 0.08
C TYR A 28 7.49 -6.42 -1.08
N LEU A 29 8.39 -5.47 -1.30
CA LEU A 29 9.44 -5.55 -2.35
C LEU A 29 10.77 -5.40 -1.63
N ASP A 30 11.66 -6.37 -1.83
CA ASP A 30 13.01 -6.35 -1.20
C ASP A 30 13.96 -5.68 -2.19
N VAL A 31 14.23 -4.39 -2.02
CA VAL A 31 15.08 -3.55 -2.92
C VAL A 31 16.56 -3.91 -2.71
N ALA A 32 16.97 -4.08 -1.46
CA ALA A 32 18.40 -4.34 -1.17
C ALA A 32 18.79 -5.70 -1.78
N LYS A 33 17.89 -6.68 -1.67
N LYS A 33 17.90 -6.69 -1.67
CA LYS A 33 18.14 -8.06 -2.16
CA LYS A 33 18.15 -8.05 -2.18
C LYS A 33 18.34 -7.97 -3.67
C LYS A 33 18.38 -7.96 -3.69
N ALA A 34 17.72 -7.01 -4.35
CA ALA A 34 17.82 -6.84 -5.82
C ALA A 34 19.10 -6.12 -6.22
N GLY A 35 19.91 -5.66 -5.25
CA GLY A 35 21.17 -4.94 -5.52
C GLY A 35 20.94 -3.51 -5.98
N ILE A 36 19.72 -2.99 -5.78
CA ILE A 36 19.37 -1.61 -6.18
C ILE A 36 19.70 -0.70 -5.00
N ARG A 37 20.68 0.20 -5.16
CA ARG A 37 21.22 1.00 -4.02
C ARG A 37 21.24 2.49 -4.38
N ASP A 38 20.82 2.89 -5.57
CA ASP A 38 20.78 4.32 -5.95
C ASP A 38 19.69 4.51 -6.98
N GLY A 39 19.51 5.73 -7.44
CA GLY A 39 18.45 6.04 -8.41
C GLY A 39 17.12 6.19 -7.73
N LYS A 40 16.06 6.03 -8.49
CA LYS A 40 14.71 6.28 -7.97
C LYS A 40 13.82 5.09 -8.27
N LEU A 41 12.78 4.94 -7.46
CA LEU A 41 11.74 3.91 -7.70
C LEU A 41 10.39 4.64 -7.81
N GLN A 42 9.68 4.39 -8.89
CA GLN A 42 8.28 4.78 -8.98
C GLN A 42 7.47 3.61 -8.44
N VAL A 43 6.78 3.83 -7.34
CA VAL A 43 6.04 2.77 -6.63
C VAL A 43 4.54 2.99 -6.84
N ILE A 44 3.83 1.93 -7.16
CA ILE A 44 2.36 1.96 -7.24
C ILE A 44 1.80 0.93 -6.28
N LEU A 45 0.97 1.39 -5.34
CA LEU A 45 0.15 0.48 -4.51
C LEU A 45 -1.23 0.46 -5.12
N ASN A 46 -1.66 -0.71 -5.54
CA ASN A 46 -2.95 -0.89 -6.23
C ASN A 46 -3.80 -1.81 -5.39
N VAL A 47 -4.90 -1.27 -4.86
CA VAL A 47 -5.85 -2.09 -4.07
C VAL A 47 -7.19 -1.84 -4.75
N PRO A 48 -7.49 -2.59 -5.84
CA PRO A 48 -8.61 -2.21 -6.71
C PRO A 48 -9.99 -2.53 -6.14
N THR A 49 -10.06 -3.42 -5.14
CA THR A 49 -11.38 -3.91 -4.70
C THR A 49 -11.49 -4.01 -3.18
N PRO A 50 -11.05 -3.01 -2.41
CA PRO A 50 -11.21 -3.11 -0.97
C PRO A 50 -12.64 -2.77 -0.55
N TYR A 51 -12.95 -3.14 0.68
CA TYR A 51 -14.10 -2.55 1.38
C TYR A 51 -13.81 -2.44 2.86
N ALA A 52 -14.53 -1.52 3.50
CA ALA A 52 -14.38 -1.28 4.95
C ALA A 52 -15.71 -1.56 5.59
N THR A 53 -15.68 -2.11 6.80
CA THR A 53 -16.92 -2.33 7.56
C THR A 53 -16.79 -1.58 8.89
N GLY A 54 -17.85 -0.94 9.30
CA GLY A 54 -17.84 -0.18 10.55
C GLY A 54 -19.14 0.53 10.75
N ASN A 55 -19.20 1.30 11.81
CA ASN A 55 -20.46 1.92 12.22
C ASN A 55 -20.46 3.43 12.05
N ASN A 56 -19.36 4.02 11.56
N ASN A 56 -19.38 4.01 11.53
CA ASN A 56 -19.18 5.50 11.55
CA ASN A 56 -19.23 5.49 11.56
C ASN A 56 -18.46 5.95 10.29
C ASN A 56 -18.48 5.95 10.30
N PHE A 57 -19.17 6.01 9.17
CA PHE A 57 -18.60 6.46 7.87
C PHE A 57 -17.29 5.71 7.59
N PRO A 58 -17.39 4.40 7.29
CA PRO A 58 -16.19 3.57 7.24
C PRO A 58 -15.25 3.92 6.08
N GLY A 59 -14.02 3.46 6.22
CA GLY A 59 -13.01 3.64 5.17
C GLY A 59 -11.69 3.02 5.57
N ILE A 60 -10.74 3.10 4.66
CA ILE A 60 -9.38 2.57 4.89
C ILE A 60 -8.37 3.59 4.44
N TYR A 61 -7.34 3.82 5.25
CA TYR A 61 -6.14 4.54 4.81
C TYR A 61 -5.15 3.52 4.27
N PHE A 62 -4.45 3.87 3.21
CA PHE A 62 -3.37 3.06 2.66
C PHE A 62 -2.11 3.90 2.57
N ALA A 63 -0.96 3.26 2.72
CA ALA A 63 0.32 3.96 2.61
C ALA A 63 1.31 3.13 1.81
N ILE A 64 2.26 3.83 1.21
CA ILE A 64 3.53 3.26 0.73
C ILE A 64 4.58 3.62 1.76
N ALA A 65 5.28 2.59 2.26
CA ALA A 65 6.30 2.76 3.29
C ALA A 65 7.58 2.10 2.84
N THR A 66 8.67 2.63 3.32
CA THR A 66 9.99 1.98 3.22
C THR A 66 10.46 1.64 4.63
N ASN A 67 11.69 1.15 4.74
CA ASN A 67 12.32 1.06 6.06
C ASN A 67 12.35 2.40 6.79
N GLN A 68 12.30 3.50 6.05
CA GLN A 68 12.30 4.87 6.63
C GLN A 68 10.90 5.33 7.05
N GLY A 69 9.87 4.52 6.83
CA GLY A 69 8.49 4.89 7.18
C GLY A 69 7.65 5.27 5.96
N VAL A 70 6.54 5.89 6.25
CA VAL A 70 5.52 6.25 5.24
C VAL A 70 6.05 7.36 4.33
N VAL A 71 5.98 7.17 3.00
N VAL A 71 5.97 7.17 3.00
CA VAL A 71 6.38 8.20 2.00
CA VAL A 71 6.36 8.19 1.99
C VAL A 71 5.13 8.89 1.42
C VAL A 71 5.13 8.88 1.42
N ALA A 72 3.98 8.22 1.41
CA ALA A 72 2.75 8.74 0.77
C ALA A 72 1.61 7.95 1.35
N ASP A 73 0.44 8.57 1.41
CA ASP A 73 -0.76 7.84 1.89
C ASP A 73 -2.01 8.48 1.35
N GLY A 74 -3.13 7.81 1.55
CA GLY A 74 -4.44 8.32 1.15
C GLY A 74 -5.51 7.46 1.77
N CYS A 75 -6.74 7.72 1.43
CA CYS A 75 -7.85 6.85 1.89
C CYS A 75 -9.02 6.91 0.95
N PHE A 76 -9.89 5.92 1.06
CA PHE A 76 -11.29 6.09 0.64
C PHE A 76 -12.18 6.13 1.87
N THR A 77 -13.32 6.78 1.79
CA THR A 77 -14.38 6.71 2.81
C THR A 77 -15.73 6.68 2.13
N TYR A 78 -16.69 6.00 2.76
CA TYR A 78 -18.09 6.02 2.29
C TYR A 78 -18.72 7.37 2.62
N SER A 79 -19.84 7.62 1.99
CA SER A 79 -20.57 8.90 2.11
C SER A 79 -21.83 8.75 2.96
N SER A 80 -21.98 7.62 3.63
N SER A 80 -22.00 7.64 3.63
CA SER A 80 -23.10 7.35 4.56
CA SER A 80 -23.09 7.47 4.61
C SER A 80 -22.53 6.79 5.87
C SER A 80 -22.54 6.80 5.86
N LYS A 81 -23.23 7.02 6.98
CA LYS A 81 -22.71 6.62 8.30
C LYS A 81 -22.56 5.10 8.35
N VAL A 82 -23.62 4.39 7.97
CA VAL A 82 -23.58 2.91 7.90
C VAL A 82 -24.10 2.57 6.51
N PRO A 83 -23.20 2.37 5.53
CA PRO A 83 -23.65 2.06 4.18
C PRO A 83 -24.61 0.87 4.18
N GLU A 84 -25.60 0.95 3.31
CA GLU A 84 -26.56 -0.18 3.16
C GLU A 84 -25.82 -1.43 2.72
N SER A 85 -24.91 -1.28 1.78
CA SER A 85 -23.90 -2.32 1.46
C SER A 85 -22.57 -1.62 1.33
N THR A 86 -21.52 -2.18 1.88
CA THR A 86 -20.18 -1.56 1.78
C THR A 86 -19.61 -1.89 0.40
N GLY A 87 -19.81 -0.97 -0.53
CA GLY A 87 -19.35 -1.20 -1.91
C GLY A 87 -17.84 -1.29 -2.04
N ARG A 88 -17.40 -1.79 -3.16
CA ARG A 88 -15.96 -1.88 -3.47
C ARG A 88 -15.49 -0.54 -4.01
N MET A 89 -14.43 -0.03 -3.38
CA MET A 89 -13.92 1.36 -3.59
C MET A 89 -12.49 1.31 -4.09
N PRO A 90 -12.26 1.24 -5.41
CA PRO A 90 -10.91 1.11 -5.94
C PRO A 90 -9.97 2.20 -5.45
N PHE A 91 -8.73 1.79 -5.16
CA PHE A 91 -7.73 2.68 -4.56
C PHE A 91 -6.38 2.44 -5.21
N THR A 92 -5.75 3.51 -5.68
CA THR A 92 -4.36 3.46 -6.18
C THR A 92 -3.58 4.63 -5.60
N LEU A 93 -2.32 4.39 -5.33
CA LEU A 93 -1.41 5.39 -4.74
C LEU A 93 -0.06 5.27 -5.44
N VAL A 94 0.51 6.40 -5.82
CA VAL A 94 1.75 6.44 -6.63
C VAL A 94 2.72 7.40 -5.99
N ALA A 95 3.95 6.95 -5.74
CA ALA A 95 5.00 7.80 -5.14
C ALA A 95 6.33 7.43 -5.75
N THR A 96 7.23 8.38 -5.79
CA THR A 96 8.59 8.15 -6.32
C THR A 96 9.58 8.42 -5.22
N ILE A 97 10.46 7.46 -5.00
N ILE A 97 10.46 7.46 -5.00
CA ILE A 97 11.41 7.56 -3.87
CA ILE A 97 11.39 7.43 -3.84
C ILE A 97 12.84 7.53 -4.37
C ILE A 97 12.84 7.50 -4.35
N ASP A 98 13.70 8.23 -3.63
CA ASP A 98 15.16 8.23 -3.90
C ASP A 98 15.77 7.06 -3.13
N VAL A 99 16.31 6.07 -3.83
CA VAL A 99 16.88 4.86 -3.20
C VAL A 99 18.17 5.25 -2.47
N GLY A 100 18.90 6.22 -3.02
CA GLY A 100 20.16 6.74 -2.44
C GLY A 100 19.99 7.19 -1.00
N SER A 101 18.79 7.66 -0.61
CA SER A 101 18.45 8.08 0.79
C SER A 101 18.63 6.93 1.80
N GLY A 102 18.69 5.66 1.37
CA GLY A 102 18.91 4.50 2.27
C GLY A 102 17.72 3.53 2.25
N VAL A 103 17.11 3.33 1.11
CA VAL A 103 15.89 2.49 1.00
C VAL A 103 16.34 1.06 0.75
N THR A 104 15.86 0.11 1.57
CA THR A 104 16.15 -1.33 1.44
C THR A 104 14.89 -2.15 1.14
N PHE A 105 13.68 -1.64 1.42
CA PHE A 105 12.42 -2.36 1.06
C PHE A 105 11.31 -1.34 0.89
N VAL A 106 10.28 -1.81 0.21
CA VAL A 106 9.03 -1.03 0.04
C VAL A 106 7.88 -1.94 0.45
N LYS A 107 6.88 -1.38 1.13
N LYS A 107 6.87 -1.38 1.12
CA LYS A 107 5.71 -2.14 1.62
CA LYS A 107 5.70 -2.19 1.50
C LYS A 107 4.44 -1.33 1.37
C LYS A 107 4.45 -1.34 1.39
N GLY A 108 3.33 -2.03 1.21
CA GLY A 108 2.00 -1.43 1.36
C GLY A 108 1.54 -1.60 2.78
N GLN A 109 0.93 -0.57 3.31
CA GLN A 109 0.38 -0.59 4.66
C GLN A 109 -1.05 -0.05 4.66
N TRP A 110 -1.78 -0.35 5.73
CA TRP A 110 -3.16 0.16 5.86
C TRP A 110 -3.46 0.47 7.32
N LYS A 111 -4.50 1.26 7.50
CA LYS A 111 -4.95 1.72 8.83
C LYS A 111 -6.44 2.00 8.73
N SER A 112 -7.15 1.80 9.81
CA SER A 112 -8.61 1.98 9.86
C SER A 112 -8.98 3.46 9.79
N VAL A 113 -10.08 3.76 9.10
CA VAL A 113 -10.79 5.04 9.32
C VAL A 113 -11.86 4.75 10.37
N ARG A 114 -11.82 5.47 11.50
CA ARG A 114 -12.89 5.37 12.50
C ARG A 114 -13.17 3.90 12.88
N GLY A 115 -12.11 3.14 13.12
CA GLY A 115 -12.26 1.79 13.70
C GLY A 115 -12.69 0.73 12.68
N SER A 116 -12.74 1.08 11.40
CA SER A 116 -13.21 0.13 10.37
C SER A 116 -12.37 -1.15 10.33
N ALA A 117 -13.05 -2.25 10.13
CA ALA A 117 -12.36 -3.50 9.72
C ALA A 117 -11.99 -3.41 8.24
N MET A 118 -10.83 -3.92 7.92
CA MET A 118 -10.19 -3.71 6.60
C MET A 118 -10.19 -5.02 5.82
N HIS A 119 -10.74 -4.94 4.61
CA HIS A 119 -11.01 -6.13 3.78
C HIS A 119 -10.32 -6.08 2.41
N ILE A 120 -9.46 -7.06 2.21
CA ILE A 120 -8.95 -7.45 0.86
C ILE A 120 -9.30 -8.94 0.72
N ASP A 121 -10.04 -9.25 -0.32
CA ASP A 121 -10.46 -10.64 -0.62
C ASP A 121 -10.32 -10.89 -2.11
N SER A 122 -9.51 -10.11 -2.80
CA SER A 122 -9.24 -10.35 -4.22
C SER A 122 -7.89 -9.67 -4.52
N TYR A 123 -7.48 -9.71 -5.77
CA TYR A 123 -6.17 -9.22 -6.22
C TYR A 123 -5.87 -7.82 -5.68
N ALA A 124 -4.62 -7.65 -5.24
CA ALA A 124 -4.02 -6.35 -4.91
C ALA A 124 -2.53 -6.46 -5.18
N SER A 125 -1.91 -5.32 -5.52
CA SER A 125 -0.50 -5.39 -5.92
C SER A 125 0.32 -4.22 -5.41
N LEU A 126 1.62 -4.44 -5.35
CA LEU A 126 2.63 -3.40 -5.09
C LEU A 126 3.67 -3.53 -6.17
N SER A 127 3.92 -2.47 -6.90
CA SER A 127 4.79 -2.49 -8.09
C SER A 127 5.81 -1.38 -7.99
N ALA A 128 6.96 -1.59 -8.62
CA ALA A 128 7.96 -0.52 -8.69
C ALA A 128 8.74 -0.60 -9.99
N ILE A 129 9.11 0.56 -10.49
CA ILE A 129 10.01 0.68 -11.66
C ILE A 129 11.24 1.43 -11.19
N TRP A 130 12.41 0.87 -11.46
CA TRP A 130 13.69 1.49 -11.11
C TRP A 130 14.18 2.36 -12.28
N GLY A 131 14.56 3.59 -11.96
CA GLY A 131 15.19 4.48 -12.95
C GLY A 131 16.51 4.97 -12.40
N THR A 132 17.49 5.15 -13.28
CA THR A 132 18.82 5.68 -12.90
C THR A 132 19.23 6.71 -13.95
N ALA A 133 20.00 7.73 -13.54
CA ALA A 133 20.65 8.69 -14.45
C ALA A 133 21.99 8.14 -14.93
N ALA A 134 22.45 6.99 -14.42
CA ALA A 134 23.74 6.39 -14.81
C ALA A 134 23.68 5.89 -16.26
N1 VJW B . -11.14 13.29 6.36
C4 VJW B . -14.96 12.91 4.74
C5 VJW B . -14.41 14.27 5.14
C6 VJW B . -14.70 15.34 4.13
C7 VJW B . -10.49 14.32 6.90
C8 VJW B . -9.06 14.34 6.73
C10 VJW B . -6.85 14.67 6.73
C13 VJW B . -5.01 12.25 6.01
C15 VJW B . -4.59 10.64 4.33
C17 VJW B . -6.67 11.80 4.35
C1 VJW B . -12.56 13.25 6.29
O5 VJW B . -12.98 14.16 5.27
C3 VJW B . -14.55 11.86 5.76
O3 VJW B . -14.95 10.55 5.38
C2 VJW B . -13.04 11.86 5.95
O2 VJW B . -12.74 10.95 7.00
O4 VJW B . -14.45 12.55 3.45
O7 VJW B . -11.08 15.25 7.45
O8 VJW B . -8.46 13.28 6.08
C11 VJW B . -7.12 13.51 6.11
C9 VJW B . -8.10 15.20 7.15
C12 VJW B . -6.26 12.51 5.47
C16 VJW B . -5.82 10.87 3.78
C14 VJW B . -4.17 11.31 5.44
N2 VJW B . -2.94 11.01 6.05
#